data_7QOQ
#
_entry.id   7QOQ
#
_cell.length_a   71.076
_cell.length_b   90.377
_cell.length_c   96.007
_cell.angle_alpha   90.000
_cell.angle_beta   90.000
_cell.angle_gamma   90.000
#
_symmetry.space_group_name_H-M   'P 21 21 21'
#
loop_
_entity.id
_entity.type
_entity.pdbx_description
1 polymer 'Glucosyl-3-phosphoglycerate synthase'
2 non-polymer 'MAGNESIUM ION'
3 non-polymer "URIDINE-5'-MONOPHOSPHATE"
4 non-polymer 'CHLORIDE ION'
5 water water
#
_entity_poly.entity_id   1
_entity_poly.type   'polypeptide(L)'
_entity_poly.pdbx_seq_one_letter_code
;MTLVPDLTATDLARHRWLTDNSWTRPTWTVAELEAAKAGRTISVVLPALNEEETVGGVVETIRPLLGGLVDELIVLDSGS
TDDTEIRAMAAGARVISREVALPEVAPQPGKGEVLWRSLAATTGDIIVFIDSDLIDPDPMFVPKLVGPLLLSEGVHLVKG
FYRRPLKTSGSEDAHGGGRVTELVARPLLAALRPELTCVLQPLGGEYAGTRELLMSVPFAPGYGVEIGLLVDTYDRLGLD
AIAQVNLGVRAHRNRPLTDLAAMSRQVIATLFSRCGVPDSGVGLTQFFADGDGFSPRTSEVSLVDRPPMNTLRGKLAAAL
EHHHHHH
;
_entity_poly.pdbx_strand_id   A,B
#
# COMPACT_ATOMS: atom_id res chain seq x y z
N ASP A 6 -5.88 -11.22 -23.22
CA ASP A 6 -4.79 -12.13 -23.52
C ASP A 6 -3.98 -12.44 -22.27
N LEU A 7 -3.71 -13.72 -22.03
CA LEU A 7 -2.92 -14.13 -20.88
C LEU A 7 -1.51 -13.55 -20.95
N THR A 8 -1.04 -13.02 -19.81
CA THR A 8 0.30 -12.49 -19.71
C THR A 8 1.26 -13.58 -19.21
N ALA A 9 2.56 -13.29 -19.28
CA ALA A 9 3.54 -14.24 -18.74
C ALA A 9 3.28 -14.51 -17.26
N THR A 10 2.78 -13.52 -16.53
CA THR A 10 2.48 -13.72 -15.13
C THR A 10 1.28 -14.64 -14.96
N ASP A 11 0.25 -14.47 -15.79
CA ASP A 11 -0.92 -15.34 -15.74
C ASP A 11 -0.53 -16.78 -15.96
N LEU A 12 0.31 -17.04 -16.98
CA LEU A 12 0.67 -18.41 -17.34
C LEU A 12 1.43 -19.09 -16.21
N ALA A 13 2.48 -18.43 -15.71
CA ALA A 13 3.22 -18.98 -14.58
C ALA A 13 2.29 -19.25 -13.40
N ARG A 14 1.39 -18.31 -13.08
CA ARG A 14 0.51 -18.50 -11.93
C ARG A 14 -0.35 -19.76 -12.08
N HIS A 15 -0.99 -19.92 -13.24
CA HIS A 15 -1.85 -21.08 -13.47
C HIS A 15 -1.10 -22.40 -13.28
N ARG A 16 0.11 -22.51 -13.83
CA ARG A 16 0.85 -23.76 -13.68
C ARG A 16 1.38 -23.93 -12.27
N TRP A 17 1.78 -22.83 -11.63
CA TRP A 17 2.21 -22.90 -10.23
C TRP A 17 1.09 -23.39 -9.32
N LEU A 18 -0.14 -22.93 -9.56
CA LEU A 18 -1.27 -23.39 -8.75
C LEU A 18 -1.53 -24.88 -8.95
N THR A 19 -1.43 -25.35 -10.20
CA THR A 19 -1.59 -26.77 -10.51
C THR A 19 -0.58 -27.63 -9.74
N ASP A 20 0.68 -27.21 -9.71
CA ASP A 20 1.76 -28.04 -9.17
C ASP A 20 2.03 -27.78 -7.68
N ASN A 21 1.86 -26.54 -7.21
CA ASN A 21 2.40 -26.10 -5.93
C ASN A 21 1.35 -25.54 -4.97
N SER A 22 0.07 -25.64 -5.27
CA SER A 22 -0.96 -25.15 -4.37
C SER A 22 -1.94 -26.28 -4.09
N TRP A 23 -2.37 -26.39 -2.83
CA TRP A 23 -3.30 -27.44 -2.41
C TRP A 23 -4.48 -26.81 -1.67
N THR A 24 -5.65 -26.86 -2.30
CA THR A 24 -6.89 -26.43 -1.66
C THR A 24 -7.45 -27.46 -0.70
N ARG A 25 -7.11 -28.74 -0.87
CA ARG A 25 -7.53 -29.81 0.04
C ARG A 25 -6.31 -30.65 0.36
N PRO A 26 -5.40 -30.16 1.22
CA PRO A 26 -4.15 -30.85 1.56
C PRO A 26 -4.39 -31.95 2.60
N THR A 27 -4.93 -33.07 2.11
CA THR A 27 -5.56 -34.10 2.93
C THR A 27 -4.61 -35.22 3.36
N TRP A 28 -3.29 -35.01 3.28
CA TRP A 28 -2.32 -36.00 3.72
C TRP A 28 -2.64 -36.46 5.14
N THR A 29 -2.42 -37.74 5.43
CA THR A 29 -2.61 -38.22 6.79
C THR A 29 -1.33 -38.01 7.59
N VAL A 30 -1.50 -37.88 8.90
CA VAL A 30 -0.34 -37.74 9.78
C VAL A 30 0.56 -38.95 9.66
N ALA A 31 -0.04 -40.14 9.54
CA ALA A 31 0.72 -41.38 9.43
C ALA A 31 1.58 -41.41 8.17
N GLU A 32 1.03 -40.98 7.03
CA GLU A 32 1.84 -41.06 5.84
C GLU A 32 2.94 -40.01 5.85
N LEU A 33 2.69 -38.87 6.50
CA LEU A 33 3.74 -37.85 6.62
C LEU A 33 4.85 -38.31 7.56
N GLU A 34 4.50 -38.97 8.67
CA GLU A 34 5.53 -39.56 9.53
C GLU A 34 6.38 -40.55 8.76
N ALA A 35 5.73 -41.38 7.94
CA ALA A 35 6.44 -42.39 7.16
C ALA A 35 7.39 -41.76 6.15
N ALA A 36 7.12 -40.53 5.73
CA ALA A 36 7.92 -39.87 4.71
C ALA A 36 9.06 -39.04 5.28
N LYS A 37 9.16 -38.92 6.61
CA LYS A 37 10.20 -38.06 7.19
C LYS A 37 11.59 -38.55 6.82
N ALA A 38 11.78 -39.86 6.75
CA ALA A 38 13.02 -40.48 6.25
C ALA A 38 14.25 -39.95 6.97
N GLY A 39 14.17 -39.89 8.30
CA GLY A 39 15.25 -39.42 9.12
C GLY A 39 15.23 -37.93 9.41
N ARG A 40 14.50 -37.15 8.62
CA ARG A 40 14.39 -35.73 8.87
C ARG A 40 13.53 -35.48 10.11
N THR A 41 13.85 -34.37 10.80
CA THR A 41 13.11 -33.99 12.00
C THR A 41 12.42 -32.65 11.79
N ILE A 42 11.39 -32.41 12.61
CA ILE A 42 10.47 -31.30 12.45
C ILE A 42 10.37 -30.54 13.77
N SER A 43 10.70 -29.25 13.74
CA SER A 43 10.57 -28.34 14.87
C SER A 43 9.40 -27.39 14.62
N VAL A 44 8.56 -27.19 15.63
CA VAL A 44 7.45 -26.25 15.54
C VAL A 44 7.71 -25.10 16.51
N VAL A 45 7.61 -23.87 16.02
CA VAL A 45 7.98 -22.66 16.76
C VAL A 45 6.78 -21.74 16.84
N LEU A 46 6.41 -21.37 18.07
CA LEU A 46 5.38 -20.37 18.30
C LEU A 46 6.03 -19.10 18.85
N PRO A 47 6.15 -18.03 18.08
CA PRO A 47 6.58 -16.76 18.68
C PRO A 47 5.48 -16.24 19.59
N ALA A 48 5.85 -15.61 20.71
CA ALA A 48 4.82 -15.18 21.66
C ALA A 48 5.22 -13.90 22.38
N LEU A 49 4.43 -12.85 22.22
CA LEU A 49 4.56 -11.62 23.00
C LEU A 49 3.19 -11.30 23.59
N ASN A 50 3.03 -11.62 24.89
CA ASN A 50 1.82 -11.32 25.65
C ASN A 50 0.56 -11.91 25.01
N GLU A 51 0.51 -13.24 24.95
CA GLU A 51 -0.61 -13.96 24.38
C GLU A 51 -1.23 -14.94 25.37
N GLU A 52 -1.32 -14.54 26.64
CA GLU A 52 -1.72 -15.48 27.68
C GLU A 52 -3.07 -16.10 27.40
N GLU A 53 -3.96 -15.40 26.70
CA GLU A 53 -5.32 -15.92 26.52
C GLU A 53 -5.40 -17.01 25.47
N THR A 54 -4.46 -17.06 24.52
CA THR A 54 -4.54 -18.01 23.42
C THR A 54 -3.38 -19.00 23.30
N VAL A 55 -2.21 -18.73 23.91
CA VAL A 55 -1.03 -19.55 23.61
C VAL A 55 -1.26 -21.01 24.00
N GLY A 56 -1.91 -21.24 25.14
CA GLY A 56 -2.17 -22.61 25.56
C GLY A 56 -3.04 -23.35 24.57
N GLY A 57 -4.07 -22.69 24.06
CA GLY A 57 -4.94 -23.33 23.09
C GLY A 57 -4.22 -23.71 21.81
N VAL A 58 -3.29 -22.86 21.34
CA VAL A 58 -2.53 -23.22 20.15
C VAL A 58 -1.64 -24.44 20.43
N VAL A 59 -0.92 -24.41 21.55
CA VAL A 59 -0.07 -25.53 21.94
C VAL A 59 -0.89 -26.81 22.01
N GLU A 60 -2.07 -26.73 22.63
CA GLU A 60 -2.93 -27.92 22.79
C GLU A 60 -3.22 -28.60 21.46
N THR A 61 -3.39 -27.83 20.38
CA THR A 61 -3.68 -28.44 19.09
C THR A 61 -2.47 -29.15 18.48
N ILE A 62 -1.25 -28.79 18.89
CA ILE A 62 -0.04 -29.34 18.27
C ILE A 62 0.48 -30.51 19.09
N ARG A 63 0.28 -30.42 20.40
CA ARG A 63 0.73 -31.42 21.37
C ARG A 63 0.53 -32.87 20.94
N PRO A 64 -0.62 -33.31 20.43
CA PRO A 64 -0.75 -34.75 20.11
C PRO A 64 0.20 -35.22 19.00
N LEU A 65 0.84 -34.30 18.26
CA LEU A 65 1.83 -34.70 17.27
C LEU A 65 3.22 -34.91 17.89
N LEU A 66 3.46 -34.39 19.08
CA LEU A 66 4.77 -34.49 19.72
C LEU A 66 5.15 -35.95 19.94
N GLY A 67 6.40 -36.31 19.61
CA GLY A 67 6.84 -37.67 19.70
C GLY A 67 6.56 -38.51 18.45
N GLY A 68 5.80 -37.98 17.50
CA GLY A 68 5.59 -38.67 16.23
C GLY A 68 6.00 -37.77 15.09
N LEU A 69 5.02 -37.18 14.40
CA LEU A 69 5.33 -36.26 13.31
C LEU A 69 6.20 -35.11 13.79
N VAL A 70 5.89 -34.53 14.96
CA VAL A 70 6.59 -33.34 15.43
C VAL A 70 7.62 -33.76 16.47
N ASP A 71 8.85 -33.27 16.31
CA ASP A 71 9.94 -33.66 17.20
C ASP A 71 10.18 -32.69 18.34
N GLU A 72 9.82 -31.42 18.18
CA GLU A 72 9.89 -30.48 19.29
C GLU A 72 8.91 -29.35 19.06
N LEU A 73 8.37 -28.82 20.15
CA LEU A 73 7.38 -27.76 20.13
C LEU A 73 7.84 -26.69 21.09
N ILE A 74 8.22 -25.52 20.57
CA ILE A 74 8.86 -24.46 21.35
C ILE A 74 8.04 -23.17 21.22
N VAL A 75 7.75 -22.56 22.34
CA VAL A 75 7.26 -21.19 22.39
C VAL A 75 8.50 -20.31 22.63
N LEU A 76 8.85 -19.51 21.63
CA LEU A 76 9.95 -18.57 21.76
C LEU A 76 9.35 -17.29 22.29
N ASP A 77 9.55 -17.02 23.58
CA ASP A 77 8.93 -15.85 24.20
C ASP A 77 9.73 -14.59 23.87
N SER A 78 8.99 -13.52 23.58
CA SER A 78 9.52 -12.26 23.06
C SER A 78 9.62 -11.18 24.14
N GLY A 79 9.65 -11.57 25.41
CA GLY A 79 9.65 -10.63 26.51
C GLY A 79 8.31 -10.35 27.14
N SER A 80 7.42 -11.34 27.19
CA SER A 80 6.07 -11.13 27.70
C SER A 80 6.09 -10.72 29.17
N THR A 81 5.10 -9.92 29.55
CA THR A 81 4.88 -9.58 30.95
C THR A 81 3.60 -10.17 31.52
N ASP A 82 2.84 -10.95 30.74
CA ASP A 82 1.64 -11.57 31.29
C ASP A 82 1.95 -13.04 31.62
N ASP A 83 0.94 -13.93 31.63
CA ASP A 83 1.15 -15.33 31.95
C ASP A 83 1.39 -16.21 30.71
N THR A 84 1.98 -15.64 29.66
CA THR A 84 2.21 -16.40 28.43
C THR A 84 3.07 -17.64 28.68
N GLU A 85 4.19 -17.46 29.36
CA GLU A 85 5.17 -18.52 29.49
C GLU A 85 4.65 -19.68 30.34
N ILE A 86 4.08 -19.38 31.50
CA ILE A 86 3.64 -20.48 32.36
C ILE A 86 2.44 -21.21 31.76
N ARG A 87 1.60 -20.51 31.00
CA ARG A 87 0.48 -21.18 30.33
C ARG A 87 0.97 -22.07 29.18
N ALA A 88 1.99 -21.61 28.45
CA ALA A 88 2.63 -22.49 27.47
C ALA A 88 3.23 -23.72 28.14
N MET A 89 3.86 -23.55 29.31
CA MET A 89 4.46 -24.69 30.00
C MET A 89 3.39 -25.71 30.37
N ALA A 90 2.34 -25.25 31.06
CA ALA A 90 1.29 -26.18 31.48
C ALA A 90 0.62 -26.84 30.28
N ALA A 91 0.56 -26.15 29.14
CA ALA A 91 -0.06 -26.74 27.95
C ALA A 91 0.82 -27.82 27.30
N GLY A 92 2.09 -27.91 27.69
CA GLY A 92 2.97 -28.96 27.23
C GLY A 92 4.08 -28.56 26.24
N ALA A 93 4.46 -27.29 26.19
CA ALA A 93 5.52 -26.83 25.30
C ALA A 93 6.83 -26.56 26.06
N ARG A 94 7.91 -26.44 25.29
CA ARG A 94 9.19 -25.95 25.79
C ARG A 94 9.26 -24.43 25.56
N VAL A 95 9.51 -23.66 26.63
CA VAL A 95 9.57 -22.20 26.54
C VAL A 95 11.03 -21.78 26.55
N ILE A 96 11.43 -20.97 25.57
CA ILE A 96 12.79 -20.45 25.49
C ILE A 96 12.74 -18.95 25.24
N SER A 97 13.52 -18.17 26.00
CA SER A 97 13.59 -16.74 25.79
C SER A 97 14.50 -16.39 24.61
N ARG A 98 14.31 -15.18 24.07
CA ARG A 98 15.23 -14.67 23.06
C ARG A 98 16.67 -14.75 23.53
N GLU A 99 16.92 -14.37 24.79
CA GLU A 99 18.28 -14.33 25.31
C GLU A 99 18.91 -15.72 25.34
N VAL A 100 18.20 -16.70 25.90
CA VAL A 100 18.72 -18.08 25.95
C VAL A 100 18.90 -18.63 24.53
N ALA A 101 17.98 -18.27 23.62
CA ALA A 101 18.04 -18.82 22.27
C ALA A 101 19.34 -18.46 21.56
N LEU A 102 19.88 -17.28 21.82
CA LEU A 102 21.08 -16.79 21.12
C LEU A 102 21.82 -15.83 22.05
N PRO A 103 22.58 -16.36 23.00
CA PRO A 103 23.13 -15.50 24.06
C PRO A 103 24.12 -14.45 23.54
N GLU A 104 24.82 -14.70 22.45
CA GLU A 104 25.92 -13.79 22.09
C GLU A 104 25.45 -12.56 21.33
N VAL A 105 24.15 -12.40 21.03
CA VAL A 105 23.65 -11.20 20.36
C VAL A 105 22.55 -10.58 21.21
N ALA A 106 22.67 -9.27 21.47
CA ALA A 106 21.63 -8.57 22.21
C ALA A 106 20.34 -8.49 21.39
N PRO A 107 19.18 -8.64 22.00
CA PRO A 107 17.93 -8.64 21.23
C PRO A 107 17.56 -7.25 20.78
N GLN A 108 16.73 -7.19 19.75
CA GLN A 108 16.00 -6.01 19.34
C GLN A 108 14.53 -6.40 19.20
N PRO A 109 13.61 -5.44 19.32
CA PRO A 109 12.18 -5.80 19.34
C PRO A 109 11.68 -6.29 17.99
N GLY A 110 10.55 -6.97 18.02
CA GLY A 110 9.84 -7.29 16.79
C GLY A 110 9.79 -8.78 16.52
N LYS A 111 8.84 -9.16 15.66
CA LYS A 111 8.64 -10.58 15.38
C LYS A 111 9.83 -11.20 14.65
N GLY A 112 10.41 -10.48 13.69
CA GLY A 112 11.47 -11.06 12.89
C GLY A 112 12.61 -11.58 13.75
N GLU A 113 12.94 -10.83 14.81
CA GLU A 113 14.00 -11.22 15.76
C GLU A 113 13.71 -12.57 16.40
N VAL A 114 12.45 -12.79 16.79
CA VAL A 114 12.07 -14.04 17.45
C VAL A 114 12.26 -15.22 16.52
N LEU A 115 11.75 -15.11 15.28
CA LEU A 115 11.86 -16.23 14.35
C LEU A 115 13.31 -16.52 14.00
N TRP A 116 14.10 -15.46 13.78
CA TRP A 116 15.52 -15.63 13.51
C TRP A 116 16.20 -16.36 14.67
N ARG A 117 15.96 -15.91 15.90
CA ARG A 117 16.55 -16.59 17.06
C ARG A 117 16.07 -18.02 17.19
N SER A 118 14.84 -18.33 16.75
CA SER A 118 14.37 -19.69 16.90
C SER A 118 15.24 -20.67 16.08
N LEU A 119 15.86 -20.21 15.01
CA LEU A 119 16.75 -21.07 14.22
C LEU A 119 17.92 -21.60 15.04
N ALA A 120 18.46 -20.77 15.93
CA ALA A 120 19.52 -21.23 16.81
C ALA A 120 19.01 -22.11 17.97
N ALA A 121 17.72 -22.04 18.30
CA ALA A 121 17.21 -22.82 19.42
C ALA A 121 16.55 -24.13 18.99
N THR A 122 16.43 -24.37 17.70
CA THR A 122 15.82 -25.57 17.16
C THR A 122 16.88 -26.44 16.48
N THR A 123 16.53 -27.71 16.30
CA THR A 123 17.38 -28.67 15.63
C THR A 123 16.72 -29.33 14.43
N GLY A 124 15.44 -29.05 14.17
CA GLY A 124 14.73 -29.74 13.10
C GLY A 124 15.21 -29.38 11.71
N ASP A 125 15.22 -30.38 10.81
CA ASP A 125 15.52 -30.15 9.40
C ASP A 125 14.46 -29.30 8.73
N ILE A 126 13.26 -29.25 9.31
CA ILE A 126 12.13 -28.48 8.85
C ILE A 126 11.63 -27.69 10.06
N ILE A 127 11.37 -26.40 9.87
CA ILE A 127 10.89 -25.57 10.95
C ILE A 127 9.55 -24.97 10.55
N VAL A 128 8.57 -25.10 11.45
CA VAL A 128 7.21 -24.62 11.22
C VAL A 128 6.93 -23.47 12.17
N PHE A 129 6.42 -22.36 11.62
CA PHE A 129 6.01 -21.20 12.40
C PHE A 129 4.48 -21.11 12.46
N ILE A 130 3.94 -20.89 13.67
CA ILE A 130 2.51 -20.72 13.90
C ILE A 130 2.35 -19.56 14.86
N ASP A 131 1.50 -18.58 14.53
CA ASP A 131 1.26 -17.48 15.46
C ASP A 131 0.60 -17.99 16.73
N SER A 132 0.98 -17.42 17.87
CA SER A 132 0.44 -17.83 19.16
C SER A 132 -0.82 -17.05 19.55
N ASP A 133 -1.21 -16.04 18.77
CA ASP A 133 -2.42 -15.28 19.09
C ASP A 133 -3.68 -15.84 18.42
N LEU A 134 -3.59 -17.00 17.76
CA LEU A 134 -4.72 -17.51 16.99
C LEU A 134 -5.86 -17.90 17.93
N ILE A 135 -7.08 -17.50 17.57
CA ILE A 135 -8.25 -17.81 18.38
C ILE A 135 -8.70 -19.24 18.15
N ASP A 136 -8.79 -19.67 16.90
CA ASP A 136 -9.34 -20.97 16.55
C ASP A 136 -8.30 -21.81 15.80
N PRO A 137 -7.26 -22.26 16.47
CA PRO A 137 -6.27 -23.10 15.80
C PRO A 137 -6.84 -24.50 15.57
N ASP A 138 -6.42 -25.10 14.44
CA ASP A 138 -6.87 -26.42 14.04
C ASP A 138 -5.72 -27.42 14.13
N PRO A 139 -5.98 -28.64 14.62
CA PRO A 139 -4.88 -29.59 14.84
C PRO A 139 -4.16 -30.04 13.58
N MET A 140 -4.75 -29.86 12.40
CA MET A 140 -4.11 -30.27 11.15
C MET A 140 -3.27 -29.16 10.52
N PHE A 141 -3.02 -28.05 11.22
CA PHE A 141 -2.16 -26.99 10.68
C PHE A 141 -0.78 -27.54 10.31
N VAL A 142 -0.09 -28.15 11.27
CA VAL A 142 1.28 -28.61 11.02
C VAL A 142 1.36 -29.69 9.94
N PRO A 143 0.52 -30.74 9.95
CA PRO A 143 0.56 -31.70 8.82
C PRO A 143 0.43 -31.05 7.46
N LYS A 144 -0.50 -30.10 7.34
CA LYS A 144 -0.71 -29.48 6.04
C LYS A 144 0.49 -28.63 5.62
N LEU A 145 1.11 -27.94 6.58
CA LEU A 145 2.27 -27.10 6.26
C LEU A 145 3.48 -27.94 5.84
N VAL A 146 3.69 -29.12 6.44
CA VAL A 146 4.91 -29.86 6.14
C VAL A 146 4.76 -30.84 4.98
N GLY A 147 3.53 -31.16 4.57
CA GLY A 147 3.28 -32.03 3.45
C GLY A 147 4.15 -31.79 2.22
N PRO A 148 4.08 -30.60 1.63
CA PRO A 148 4.87 -30.35 0.41
C PRO A 148 6.37 -30.41 0.65
N LEU A 149 6.84 -30.05 1.85
CA LEU A 149 8.26 -30.21 2.16
C LEU A 149 8.67 -31.68 2.24
N LEU A 150 7.78 -32.56 2.72
CA LEU A 150 8.12 -33.96 2.87
C LEU A 150 7.92 -34.77 1.61
N LEU A 151 6.99 -34.35 0.74
CA LEU A 151 6.58 -35.17 -0.39
C LEU A 151 6.83 -34.57 -1.76
N SER A 152 7.22 -33.28 -1.87
CA SER A 152 7.33 -32.58 -3.15
C SER A 152 8.76 -32.13 -3.40
N GLU A 153 9.41 -32.75 -4.37
CA GLU A 153 10.80 -32.41 -4.70
C GLU A 153 10.94 -30.91 -4.97
N GLY A 154 11.99 -30.32 -4.40
CA GLY A 154 12.35 -28.94 -4.72
C GLY A 154 11.62 -27.87 -3.94
N VAL A 155 10.68 -28.22 -3.08
CA VAL A 155 9.94 -27.23 -2.30
C VAL A 155 10.70 -26.93 -1.01
N HIS A 156 10.89 -25.65 -0.72
CA HIS A 156 11.58 -25.21 0.49
C HIS A 156 10.78 -24.27 1.38
N LEU A 157 9.67 -23.72 0.90
CA LEU A 157 8.87 -22.80 1.71
C LEU A 157 7.39 -23.05 1.42
N VAL A 158 6.61 -23.29 2.47
CA VAL A 158 5.16 -23.52 2.34
C VAL A 158 4.40 -22.43 3.10
N LYS A 159 3.55 -21.70 2.40
CA LYS A 159 2.73 -20.64 2.99
C LYS A 159 1.30 -21.14 3.20
N GLY A 160 0.84 -21.20 4.46
CA GLY A 160 -0.54 -21.60 4.71
C GLY A 160 -1.51 -20.42 4.56
N PHE A 161 -2.61 -20.63 3.84
CA PHE A 161 -3.62 -19.59 3.70
C PHE A 161 -4.97 -20.07 4.23
N TYR A 162 -5.86 -19.10 4.49
CA TYR A 162 -7.22 -19.39 4.94
C TYR A 162 -8.22 -18.97 3.88
N ARG A 163 -9.24 -19.81 3.66
CA ARG A 163 -10.43 -19.36 2.96
C ARG A 163 -11.23 -18.44 3.86
N ARG A 164 -11.94 -17.50 3.26
CA ARG A 164 -12.68 -16.57 4.09
C ARG A 164 -14.17 -16.89 4.04
N PRO A 165 -14.88 -16.80 5.18
CA PRO A 165 -16.30 -17.13 5.22
C PRO A 165 -17.16 -16.18 4.39
N GLY A 178 -6.75 -9.46 4.01
CA GLY A 178 -6.77 -8.27 4.84
C GLY A 178 -6.35 -7.06 4.04
N ARG A 179 -6.51 -5.86 4.62
CA ARG A 179 -6.27 -4.64 3.85
C ARG A 179 -4.79 -4.48 3.49
N VAL A 180 -3.88 -4.81 4.42
CA VAL A 180 -2.45 -4.65 4.11
C VAL A 180 -2.02 -5.61 3.03
N THR A 181 -2.51 -6.86 3.06
CA THR A 181 -2.18 -7.81 1.99
C THR A 181 -2.71 -7.32 0.63
N GLU A 182 -3.98 -6.93 0.55
CA GLU A 182 -4.55 -6.59 -0.76
C GLU A 182 -4.27 -5.16 -1.19
N LEU A 183 -3.99 -4.24 -0.27
CA LEU A 183 -3.72 -2.88 -0.72
C LEU A 183 -2.23 -2.57 -0.83
N VAL A 184 -1.38 -3.27 -0.08
CA VAL A 184 0.06 -2.96 -0.01
C VAL A 184 0.89 -4.10 -0.59
N ALA A 185 0.86 -5.29 0.04
CA ALA A 185 1.77 -6.36 -0.33
C ALA A 185 1.56 -6.83 -1.77
N ARG A 186 0.32 -7.20 -2.13
CA ARG A 186 0.14 -7.76 -3.47
C ARG A 186 0.32 -6.70 -4.56
N PRO A 187 -0.18 -5.46 -4.40
CA PRO A 187 0.11 -4.46 -5.44
C PRO A 187 1.59 -4.17 -5.63
N LEU A 188 2.37 -4.13 -4.54
CA LEU A 188 3.81 -3.89 -4.66
C LEU A 188 4.52 -5.08 -5.29
N LEU A 189 4.10 -6.30 -4.94
CA LEU A 189 4.66 -7.47 -5.62
C LEU A 189 4.33 -7.45 -7.09
N ALA A 190 3.10 -7.05 -7.46
CA ALA A 190 2.74 -6.97 -8.86
C ALA A 190 3.71 -6.10 -9.63
N ALA A 191 4.17 -5.01 -9.00
CA ALA A 191 5.06 -4.04 -9.63
C ALA A 191 6.52 -4.53 -9.65
N LEU A 192 6.98 -5.15 -8.57
CA LEU A 192 8.39 -5.45 -8.39
C LEU A 192 8.77 -6.91 -8.59
N ARG A 193 7.85 -7.84 -8.27
CA ARG A 193 8.09 -9.27 -8.40
C ARG A 193 6.78 -9.94 -8.79
N PRO A 194 6.28 -9.66 -10.00
CA PRO A 194 4.90 -10.04 -10.29
C PRO A 194 4.62 -11.54 -10.23
N GLU A 195 5.61 -12.42 -10.41
CA GLU A 195 5.29 -13.85 -10.30
C GLU A 195 4.75 -14.20 -8.91
N LEU A 196 5.20 -13.48 -7.88
CA LEU A 196 4.83 -13.74 -6.49
C LEU A 196 3.40 -13.33 -6.15
N THR A 197 2.72 -12.64 -7.06
CA THR A 197 1.31 -12.38 -6.81
C THR A 197 0.47 -13.64 -6.82
N CYS A 198 1.04 -14.78 -7.21
CA CYS A 198 0.30 -16.04 -7.14
C CYS A 198 0.08 -16.49 -5.69
N VAL A 199 0.94 -16.06 -4.76
CA VAL A 199 0.78 -16.45 -3.36
C VAL A 199 -0.40 -15.70 -2.76
N LEU A 200 -1.34 -16.45 -2.17
CA LEU A 200 -2.60 -15.84 -1.74
C LEU A 200 -2.41 -14.95 -0.52
N GLN A 201 -1.64 -15.41 0.46
CA GLN A 201 -1.48 -14.68 1.73
C GLN A 201 0.00 -14.59 2.07
N PRO A 202 0.74 -13.74 1.35
CA PRO A 202 2.19 -13.66 1.53
C PRO A 202 2.63 -13.13 2.89
N LEU A 203 1.74 -12.46 3.62
CA LEU A 203 2.06 -11.98 4.96
C LEU A 203 1.57 -12.93 6.05
N GLY A 204 1.13 -14.13 5.69
CA GLY A 204 0.60 -15.05 6.69
C GLY A 204 1.65 -15.52 7.68
N GLY A 205 1.23 -15.73 8.93
CA GLY A 205 2.14 -16.16 9.96
C GLY A 205 2.32 -17.67 10.11
N GLU A 206 1.52 -18.45 9.41
CA GLU A 206 1.60 -19.90 9.49
C GLU A 206 2.31 -20.40 8.24
N TYR A 207 3.53 -20.90 8.43
CA TYR A 207 4.32 -21.33 7.28
C TYR A 207 5.49 -22.16 7.77
N ALA A 208 6.12 -22.88 6.84
CA ALA A 208 7.17 -23.80 7.18
C ALA A 208 8.28 -23.71 6.12
N GLY A 209 9.51 -23.98 6.55
CA GLY A 209 10.64 -23.95 5.63
C GLY A 209 11.70 -24.96 6.03
N THR A 210 12.56 -25.28 5.08
CA THR A 210 13.69 -26.16 5.39
C THR A 210 14.77 -25.39 6.16
N ARG A 211 15.55 -26.12 6.96
CA ARG A 211 16.67 -25.47 7.64
C ARG A 211 17.69 -24.93 6.64
N GLU A 212 17.96 -25.67 5.57
CA GLU A 212 18.97 -25.20 4.62
C GLU A 212 18.55 -23.88 3.98
N LEU A 213 17.25 -23.65 3.76
CA LEU A 213 16.83 -22.35 3.27
C LEU A 213 16.90 -21.29 4.38
N LEU A 214 16.27 -21.56 5.53
CA LEU A 214 16.10 -20.49 6.51
C LEU A 214 17.44 -20.05 7.14
N MET A 215 18.43 -20.95 7.23
CA MET A 215 19.73 -20.57 7.76
C MET A 215 20.53 -19.71 6.77
N SER A 216 20.15 -19.65 5.50
CA SER A 216 20.98 -19.02 4.48
CA SER A 216 20.98 -19.03 4.48
C SER A 216 20.53 -17.62 4.11
N VAL A 217 19.38 -17.17 4.61
CA VAL A 217 18.85 -15.87 4.21
C VAL A 217 18.86 -14.93 5.42
N PRO A 218 19.02 -13.62 5.21
CA PRO A 218 18.86 -12.68 6.32
C PRO A 218 17.40 -12.60 6.74
N PHE A 219 17.18 -12.11 7.96
CA PHE A 219 15.83 -11.95 8.49
C PHE A 219 15.55 -10.47 8.67
N ALA A 220 14.43 -10.01 8.10
CA ALA A 220 14.01 -8.63 8.26
C ALA A 220 13.33 -8.44 9.62
N PRO A 221 13.39 -7.24 10.17
CA PRO A 221 12.85 -7.01 11.51
C PRO A 221 11.33 -6.87 11.52
N GLY A 222 10.77 -7.07 12.71
CA GLY A 222 9.40 -6.67 12.98
C GLY A 222 8.38 -7.28 12.03
N TYR A 223 7.51 -6.43 11.51
CA TYR A 223 6.46 -6.85 10.59
C TYR A 223 6.98 -7.19 9.19
N GLY A 224 8.25 -7.00 8.91
CA GLY A 224 8.72 -7.31 7.57
C GLY A 224 9.24 -8.71 7.35
N VAL A 225 9.28 -9.55 8.39
CA VAL A 225 9.95 -10.84 8.26
C VAL A 225 9.28 -11.73 7.21
N GLU A 226 7.95 -11.78 7.19
CA GLU A 226 7.30 -12.72 6.26
C GLU A 226 7.58 -12.33 4.82
N ILE A 227 7.35 -11.07 4.46
CA ILE A 227 7.54 -10.66 3.08
C ILE A 227 9.01 -10.79 2.69
N GLY A 228 9.93 -10.55 3.64
CA GLY A 228 11.34 -10.64 3.32
C GLY A 228 11.78 -12.06 2.99
N LEU A 229 11.33 -13.03 3.79
CA LEU A 229 11.61 -14.43 3.50
C LEU A 229 11.05 -14.85 2.14
N LEU A 230 9.83 -14.41 1.82
CA LEU A 230 9.22 -14.79 0.55
C LEU A 230 10.05 -14.30 -0.63
N VAL A 231 10.47 -13.03 -0.60
CA VAL A 231 11.22 -12.48 -1.74
C VAL A 231 12.64 -13.03 -1.77
N ASP A 232 13.27 -13.19 -0.61
CA ASP A 232 14.59 -13.82 -0.57
C ASP A 232 14.54 -15.23 -1.13
N THR A 233 13.50 -16.00 -0.78
CA THR A 233 13.38 -17.34 -1.34
C THR A 233 13.20 -17.29 -2.85
N TYR A 234 12.32 -16.39 -3.33
CA TYR A 234 12.04 -16.30 -4.76
C TYR A 234 13.27 -15.88 -5.54
N ASP A 235 14.02 -14.90 -5.02
CA ASP A 235 15.19 -14.38 -5.72
C ASP A 235 16.28 -15.44 -5.84
N ARG A 236 16.33 -16.38 -4.90
CA ARG A 236 17.32 -17.45 -4.94
C ARG A 236 16.86 -18.70 -5.70
N LEU A 237 15.56 -19.00 -5.68
CA LEU A 237 15.09 -20.30 -6.18
C LEU A 237 13.87 -20.22 -7.09
N GLY A 238 13.21 -19.07 -7.20
CA GLY A 238 12.07 -18.93 -8.09
C GLY A 238 10.81 -19.53 -7.50
N LEU A 239 9.76 -19.53 -8.33
CA LEU A 239 8.45 -20.03 -7.89
C LEU A 239 8.48 -21.51 -7.54
N ASP A 240 9.39 -22.28 -8.16
CA ASP A 240 9.40 -23.73 -7.94
C ASP A 240 9.61 -24.09 -6.47
N ALA A 241 10.34 -23.26 -5.71
CA ALA A 241 10.64 -23.61 -4.31
C ALA A 241 9.55 -23.24 -3.34
N ILE A 242 8.46 -22.60 -3.78
CA ILE A 242 7.45 -22.00 -2.91
C ILE A 242 6.14 -22.72 -3.15
N ALA A 243 5.45 -23.07 -2.07
CA ALA A 243 4.16 -23.76 -2.16
C ALA A 243 3.19 -23.12 -1.17
N GLN A 244 1.90 -23.44 -1.30
CA GLN A 244 0.90 -22.90 -0.38
C GLN A 244 -0.19 -23.95 -0.16
N VAL A 245 -0.78 -23.96 1.03
CA VAL A 245 -1.78 -24.95 1.41
C VAL A 245 -2.92 -24.27 2.17
N ASN A 246 -4.14 -24.78 1.94
CA ASN A 246 -5.34 -24.26 2.57
C ASN A 246 -5.46 -24.79 3.98
N LEU A 247 -5.38 -23.91 4.98
CA LEU A 247 -5.48 -24.33 6.38
C LEU A 247 -6.91 -24.41 6.88
N GLY A 248 -7.87 -23.83 6.17
CA GLY A 248 -9.27 -23.88 6.56
C GLY A 248 -9.92 -22.53 6.47
N VAL A 249 -11.16 -22.45 6.95
CA VAL A 249 -11.93 -21.21 6.89
C VAL A 249 -11.71 -20.42 8.16
N ARG A 250 -11.26 -19.17 8.03
CA ARG A 250 -11.06 -18.29 9.18
C ARG A 250 -11.50 -16.88 8.82
N ALA A 251 -12.26 -16.24 9.70
CA ALA A 251 -12.69 -14.87 9.50
C ALA A 251 -11.56 -13.90 9.79
N HIS A 252 -11.56 -12.78 9.06
CA HIS A 252 -10.59 -11.72 9.32
C HIS A 252 -10.79 -11.14 10.72
N ARG A 253 -9.68 -10.96 11.44
CA ARG A 253 -9.69 -10.31 12.74
C ARG A 253 -9.25 -8.87 12.56
N ASN A 254 -9.99 -7.94 13.16
CA ASN A 254 -9.81 -6.51 12.91
C ASN A 254 -8.74 -5.94 13.83
N ARG A 255 -7.79 -5.22 13.24
CA ARG A 255 -6.69 -4.58 13.93
C ARG A 255 -6.82 -3.06 13.80
N PRO A 256 -6.28 -2.30 14.76
CA PRO A 256 -6.38 -0.85 14.69
C PRO A 256 -5.67 -0.30 13.45
N LEU A 257 -6.16 0.84 12.98
CA LEU A 257 -5.61 1.40 11.74
C LEU A 257 -4.15 1.80 11.91
N THR A 258 -3.78 2.28 13.10
CA THR A 258 -2.40 2.67 13.33
C THR A 258 -1.46 1.47 13.29
N ASP A 259 -1.92 0.31 13.78
CA ASP A 259 -1.15 -0.92 13.66
C ASP A 259 -0.95 -1.31 12.19
N LEU A 260 -2.03 -1.28 11.41
CA LEU A 260 -1.95 -1.62 9.99
C LEU A 260 -1.00 -0.69 9.26
N ALA A 261 -1.04 0.61 9.58
CA ALA A 261 -0.14 1.56 8.93
C ALA A 261 1.31 1.27 9.27
N ALA A 262 1.59 0.96 10.55
CA ALA A 262 2.95 0.62 10.93
C ALA A 262 3.41 -0.66 10.23
N MET A 263 2.53 -1.66 10.17
CA MET A 263 2.81 -2.88 9.42
C MET A 263 3.09 -2.56 7.95
N SER A 264 2.23 -1.74 7.33
CA SER A 264 2.44 -1.38 5.93
CA SER A 264 2.45 -1.38 5.94
C SER A 264 3.81 -0.73 5.74
N ARG A 265 4.19 0.19 6.63
CA ARG A 265 5.45 0.92 6.47
C ARG A 265 6.64 -0.02 6.47
N GLN A 266 6.61 -1.04 7.34
CA GLN A 266 7.72 -1.98 7.42
C GLN A 266 7.70 -2.97 6.26
N VAL A 267 6.51 -3.38 5.80
CA VAL A 267 6.44 -4.23 4.62
C VAL A 267 7.08 -3.51 3.44
N ILE A 268 6.78 -2.22 3.29
CA ILE A 268 7.38 -1.39 2.25
C ILE A 268 8.89 -1.32 2.41
N ALA A 269 9.36 -1.04 3.63
CA ALA A 269 10.80 -0.95 3.87
C ALA A 269 11.51 -2.22 3.45
N THR A 270 10.95 -3.37 3.83
CA THR A 270 11.62 -4.65 3.58
C THR A 270 11.60 -5.01 2.10
N LEU A 271 10.45 -4.86 1.46
CA LEU A 271 10.37 -5.05 0.01
C LEU A 271 11.37 -4.17 -0.71
N PHE A 272 11.46 -2.89 -0.32
CA PHE A 272 12.38 -1.97 -1.00
C PHE A 272 13.82 -2.44 -0.87
N SER A 273 14.24 -2.87 0.32
CA SER A 273 15.64 -3.27 0.50
C SER A 273 15.97 -4.51 -0.31
N ARG A 274 15.00 -5.37 -0.59
CA ARG A 274 15.26 -6.55 -1.41
C ARG A 274 15.17 -6.29 -2.91
N CYS A 275 14.46 -5.24 -3.33
CA CYS A 275 14.24 -5.00 -4.76
C CYS A 275 15.00 -3.77 -5.25
N GLY A 276 16.03 -3.36 -4.53
CA GLY A 276 16.90 -2.29 -5.00
C GLY A 276 16.30 -0.90 -4.98
N VAL A 277 15.40 -0.61 -4.04
CA VAL A 277 14.82 0.72 -3.90
C VAL A 277 15.33 1.29 -2.59
N PRO A 278 15.96 2.47 -2.60
CA PRO A 278 16.36 3.09 -1.33
C PRO A 278 15.13 3.50 -0.53
N ASP A 279 15.33 3.60 0.78
CA ASP A 279 14.26 3.91 1.71
C ASP A 279 14.78 4.98 2.67
N SER A 280 13.97 6.00 2.90
CA SER A 280 14.34 7.15 3.72
C SER A 280 14.73 6.79 5.14
N GLY A 281 14.28 5.64 5.65
CA GLY A 281 14.39 5.39 7.06
C GLY A 281 13.45 6.21 7.92
N VAL A 282 12.55 6.96 7.31
CA VAL A 282 11.59 7.78 8.03
C VAL A 282 10.35 6.93 8.28
N GLY A 283 10.00 6.73 9.54
CA GLY A 283 8.94 5.80 9.90
C GLY A 283 7.58 6.19 9.36
N LEU A 284 6.72 6.67 10.24
CA LEU A 284 5.41 7.15 9.83
C LEU A 284 5.09 8.42 10.60
N THR A 285 4.50 9.39 9.92
CA THR A 285 4.13 10.65 10.54
C THR A 285 2.73 10.54 11.14
N GLN A 286 2.58 11.02 12.37
CA GLN A 286 1.31 11.07 13.06
C GLN A 286 1.05 12.50 13.52
N PHE A 287 -0.23 12.84 13.64
CA PHE A 287 -0.65 14.18 14.05
C PHE A 287 -1.46 14.10 15.35
N PRO A 296 1.91 16.28 14.83
CA PRO A 296 3.11 16.41 14.00
C PRO A 296 4.31 15.63 14.56
N ARG A 297 4.29 14.30 14.49
CA ARG A 297 5.33 13.49 15.08
C ARG A 297 5.61 12.28 14.20
N THR A 298 6.89 12.03 13.92
CA THR A 298 7.30 11.01 12.96
C THR A 298 8.37 10.12 13.57
N SER A 299 8.19 8.81 13.42
CA SER A 299 9.11 7.83 13.99
C SER A 299 10.27 7.57 13.03
N GLU A 300 11.23 6.76 13.47
CA GLU A 300 12.39 6.40 12.67
C GLU A 300 12.52 4.89 12.62
N VAL A 301 12.35 4.31 11.43
CA VAL A 301 12.61 2.89 11.23
C VAL A 301 14.07 2.61 11.55
N SER A 302 14.34 2.10 12.75
CA SER A 302 15.70 1.99 13.28
C SER A 302 16.09 0.55 13.64
N LEU A 303 15.42 -0.44 13.07
CA LEU A 303 15.75 -1.83 13.31
C LEU A 303 16.44 -2.39 12.08
N VAL A 304 17.44 -3.23 12.30
CA VAL A 304 18.35 -3.67 11.26
C VAL A 304 17.96 -5.07 10.80
N ASP A 305 18.28 -5.40 9.55
CA ASP A 305 18.21 -6.79 9.12
C ASP A 305 19.21 -7.63 9.92
N ARG A 306 18.79 -8.92 10.26
CA ARG A 306 19.81 -9.79 10.84
C ARG A 306 20.47 -10.61 9.74
N PRO A 307 21.76 -10.93 9.88
CA PRO A 307 22.45 -11.70 8.83
C PRO A 307 22.01 -13.16 8.85
N PRO A 308 22.31 -13.92 7.79
CA PRO A 308 21.99 -15.35 7.80
C PRO A 308 22.56 -16.02 9.05
N MET A 309 21.72 -16.82 9.71
CA MET A 309 22.11 -17.51 10.94
C MET A 309 23.29 -18.45 10.73
N ASN A 310 23.55 -18.89 9.49
CA ASN A 310 24.72 -19.74 9.33
C ASN A 310 26.02 -18.96 9.45
N THR A 311 25.96 -17.64 9.60
CA THR A 311 27.14 -16.88 10.00
C THR A 311 27.39 -16.96 11.51
N LEU A 312 26.53 -17.63 12.27
CA LEU A 312 26.68 -17.73 13.71
C LEU A 312 26.58 -19.18 14.19
N ARG A 313 25.81 -20.01 13.50
CA ARG A 313 25.53 -21.37 13.92
C ARG A 313 25.52 -22.29 12.71
N GLY A 314 25.76 -23.58 12.96
CA GLY A 314 25.81 -24.58 11.89
C GLY A 314 26.58 -24.09 10.69
N LYS A 315 27.74 -23.47 10.95
CA LYS A 315 28.43 -22.72 9.90
C LYS A 315 28.95 -23.65 8.80
N LEU A 316 29.22 -24.91 9.12
CA LEU A 316 29.72 -25.87 8.15
C LEU A 316 28.63 -26.79 7.61
N ALA A 317 27.36 -26.47 7.86
CA ALA A 317 26.27 -27.26 7.33
C ALA A 317 26.24 -27.18 5.80
N ALA A 318 25.49 -28.10 5.20
CA ALA A 318 25.39 -28.15 3.74
C ALA A 318 24.63 -26.93 3.23
N ALA A 319 25.29 -26.17 2.35
CA ALA A 319 24.74 -24.91 1.88
C ALA A 319 23.54 -25.15 0.96
N LEU A 320 22.82 -24.08 0.68
CA LEU A 320 21.67 -24.10 -0.20
C LEU A 320 22.12 -23.70 -1.62
N GLU A 321 21.99 -24.63 -2.56
CA GLU A 321 22.32 -24.33 -3.95
C GLU A 321 21.27 -23.40 -4.53
N HIS A 322 21.65 -22.17 -4.84
CA HIS A 322 20.77 -21.26 -5.55
C HIS A 322 20.76 -21.56 -7.05
N HIS A 323 19.74 -21.03 -7.72
CA HIS A 323 19.69 -21.04 -9.18
C HIS A 323 20.89 -20.32 -9.77
N HIS A 324 21.61 -20.99 -10.67
CA HIS A 324 22.69 -20.32 -11.40
C HIS A 324 22.10 -19.29 -12.36
N HIS A 325 22.72 -18.11 -12.40
CA HIS A 325 22.36 -17.08 -13.38
C HIS A 325 23.33 -17.05 -14.53
N HIS A 326 24.31 -17.95 -14.53
CA HIS A 326 25.28 -18.08 -15.61
C HIS A 326 25.38 -19.54 -15.98
N HIS A 327 26.08 -19.78 -17.08
CA HIS A 327 26.12 -21.10 -17.71
C HIS A 327 27.46 -21.31 -18.42
N THR B 10 13.20 16.88 11.53
CA THR B 10 12.42 16.94 10.29
C THR B 10 10.96 17.22 10.60
N ASP B 11 10.55 16.92 11.83
CA ASP B 11 9.22 17.30 12.29
C ASP B 11 9.08 18.81 12.44
N LEU B 12 10.19 19.52 12.63
CA LEU B 12 10.13 20.97 12.64
C LEU B 12 9.75 21.51 11.27
N ALA B 13 10.24 20.87 10.20
CA ALA B 13 9.86 21.28 8.85
C ALA B 13 8.37 21.04 8.60
N ARG B 14 7.88 19.86 9.01
CA ARG B 14 6.46 19.57 8.85
C ARG B 14 5.61 20.49 9.73
N HIS B 15 6.12 20.83 10.92
CA HIS B 15 5.37 21.69 11.82
C HIS B 15 5.25 23.10 11.24
N ARG B 16 6.35 23.65 10.72
CA ARG B 16 6.32 25.01 10.20
C ARG B 16 5.47 25.11 8.94
N TRP B 17 5.49 24.06 8.10
CA TRP B 17 4.60 24.04 6.95
C TRP B 17 3.14 24.11 7.37
N LEU B 18 2.76 23.30 8.37
CA LEU B 18 1.37 23.29 8.83
C LEU B 18 0.93 24.65 9.40
N THR B 19 1.82 25.32 10.14
CA THR B 19 1.46 26.63 10.68
C THR B 19 1.33 27.69 9.58
N ASP B 20 2.10 27.58 8.50
CA ASP B 20 2.07 28.58 7.43
C ASP B 20 1.19 28.19 6.24
N ASN B 21 1.06 26.91 5.92
CA ASN B 21 0.44 26.51 4.66
C ASN B 21 -0.78 25.60 4.83
N SER B 22 -1.30 25.45 6.04
CA SER B 22 -2.48 24.63 6.31
C SER B 22 -3.51 25.45 7.07
N TRP B 23 -4.78 25.37 6.67
CA TRP B 23 -5.86 26.09 7.34
C TRP B 23 -6.94 25.11 7.75
N THR B 24 -7.12 24.92 9.06
CA THR B 24 -8.21 24.12 9.56
C THR B 24 -9.54 24.87 9.60
N ARG B 25 -9.51 26.22 9.66
CA ARG B 25 -10.72 27.05 9.69
C ARG B 25 -10.51 28.28 8.81
N PRO B 26 -10.58 28.12 7.48
CA PRO B 26 -10.44 29.28 6.58
C PRO B 26 -11.48 30.36 6.88
N THR B 27 -11.02 31.57 7.20
CA THR B 27 -11.95 32.64 7.50
C THR B 27 -12.53 33.31 6.25
N TRP B 28 -11.93 33.09 5.08
CA TRP B 28 -12.14 33.98 3.94
C TRP B 28 -13.60 34.04 3.51
N THR B 29 -14.05 35.26 3.20
CA THR B 29 -15.37 35.46 2.62
C THR B 29 -15.26 35.50 1.09
N VAL B 30 -16.38 35.22 0.43
CA VAL B 30 -16.42 35.31 -1.03
C VAL B 30 -16.02 36.72 -1.48
N ALA B 31 -16.50 37.73 -0.76
CA ALA B 31 -16.25 39.12 -1.17
C ALA B 31 -14.76 39.47 -1.11
N GLU B 32 -14.06 39.03 -0.06
CA GLU B 32 -12.64 39.37 0.00
C GLU B 32 -11.83 38.60 -1.04
N LEU B 33 -12.25 37.38 -1.37
CA LEU B 33 -11.57 36.64 -2.42
C LEU B 33 -11.78 37.28 -3.79
N GLU B 34 -13.01 37.72 -4.10
CA GLU B 34 -13.24 38.47 -5.34
C GLU B 34 -12.35 39.70 -5.42
N ALA B 35 -12.30 40.47 -4.33
CA ALA B 35 -11.52 41.70 -4.32
C ALA B 35 -10.04 41.44 -4.57
N ALA B 36 -9.56 40.24 -4.21
CA ALA B 36 -8.15 39.88 -4.32
C ALA B 36 -7.77 39.27 -5.67
N LYS B 37 -8.73 39.07 -6.57
CA LYS B 37 -8.40 38.35 -7.81
C LYS B 37 -7.41 39.13 -8.66
N ALA B 38 -7.53 40.45 -8.69
CA ALA B 38 -6.53 41.33 -9.32
C ALA B 38 -6.23 40.90 -10.75
N GLY B 39 -7.29 40.76 -11.56
CA GLY B 39 -7.14 40.43 -12.95
C GLY B 39 -7.08 38.95 -13.28
N ARG B 40 -6.81 38.11 -12.29
CA ARG B 40 -6.76 36.67 -12.52
C ARG B 40 -8.17 36.10 -12.64
N THR B 41 -8.30 35.06 -13.45
CA THR B 41 -9.58 34.40 -13.62
C THR B 41 -9.51 32.97 -13.08
N ILE B 42 -10.69 32.43 -12.78
CA ILE B 42 -10.84 31.15 -12.09
C ILE B 42 -11.77 30.24 -12.90
N SER B 43 -11.30 29.04 -13.23
CA SER B 43 -12.09 28.01 -13.90
C SER B 43 -12.31 26.84 -12.95
N VAL B 44 -13.57 26.41 -12.82
CA VAL B 44 -13.90 25.22 -12.05
C VAL B 44 -14.22 24.11 -13.04
N VAL B 45 -13.57 22.97 -12.86
CA VAL B 45 -13.76 21.80 -13.71
C VAL B 45 -14.24 20.65 -12.84
N LEU B 46 -15.35 20.02 -13.22
CA LEU B 46 -15.80 18.80 -12.56
C LEU B 46 -15.67 17.63 -13.53
N PRO B 47 -14.79 16.66 -13.29
CA PRO B 47 -14.79 15.47 -14.14
C PRO B 47 -16.03 14.63 -13.83
N ALA B 48 -16.60 13.97 -14.84
CA ALA B 48 -17.79 13.16 -14.59
C ALA B 48 -17.86 11.95 -15.51
N LEU B 49 -17.91 10.76 -14.92
CA LEU B 49 -18.24 9.53 -15.63
C LEU B 49 -19.45 8.91 -14.93
N ASN B 50 -20.62 9.01 -15.58
CA ASN B 50 -21.86 8.38 -15.12
C ASN B 50 -22.22 8.75 -13.67
N GLU B 51 -22.40 10.06 -13.42
CA GLU B 51 -22.71 10.59 -12.10
C GLU B 51 -24.06 11.30 -12.07
N GLU B 52 -25.06 10.74 -12.77
CA GLU B 52 -26.34 11.43 -12.89
C GLU B 52 -26.98 11.73 -11.53
N GLU B 53 -26.71 10.92 -10.52
CA GLU B 53 -27.40 11.11 -9.24
C GLU B 53 -26.85 12.28 -8.43
N THR B 54 -25.61 12.70 -8.67
CA THR B 54 -24.96 13.70 -7.85
C THR B 54 -24.45 14.93 -8.57
N VAL B 55 -24.25 14.87 -9.90
CA VAL B 55 -23.54 15.95 -10.58
C VAL B 55 -24.31 17.26 -10.47
N GLY B 56 -25.65 17.18 -10.57
CA GLY B 56 -26.45 18.39 -10.45
C GLY B 56 -26.27 19.06 -9.11
N GLY B 57 -26.31 18.27 -8.03
CA GLY B 57 -26.13 18.81 -6.70
C GLY B 57 -24.81 19.53 -6.53
N VAL B 58 -23.72 18.95 -7.06
CA VAL B 58 -22.41 19.58 -6.96
C VAL B 58 -22.39 20.88 -7.75
N VAL B 59 -22.88 20.84 -9.00
CA VAL B 59 -22.92 22.04 -9.82
C VAL B 59 -23.73 23.14 -9.13
N GLU B 60 -24.84 22.77 -8.49
CA GLU B 60 -25.70 23.79 -7.87
C GLU B 60 -24.98 24.55 -6.76
N THR B 61 -24.00 23.94 -6.08
CA THR B 61 -23.34 24.64 -4.99
C THR B 61 -22.27 25.61 -5.48
N ILE B 62 -21.89 25.54 -6.75
CA ILE B 62 -20.83 26.38 -7.31
C ILE B 62 -21.46 27.46 -8.19
N ARG B 63 -22.61 27.13 -8.77
CA ARG B 63 -23.28 28.02 -9.73
C ARG B 63 -23.50 29.45 -9.22
N PRO B 64 -23.91 29.71 -7.97
CA PRO B 64 -24.08 31.11 -7.55
C PRO B 64 -22.80 31.95 -7.60
N LEU B 65 -21.61 31.32 -7.74
CA LEU B 65 -20.37 32.07 -7.86
C LEU B 65 -20.05 32.49 -9.29
N LEU B 66 -20.73 31.91 -10.27
CA LEU B 66 -20.41 32.15 -11.67
C LEU B 66 -20.70 33.60 -12.01
N GLY B 67 -19.76 34.26 -12.69
CA GLY B 67 -19.85 35.68 -12.93
C GLY B 67 -19.30 36.54 -11.82
N GLY B 68 -18.91 35.95 -10.69
CA GLY B 68 -18.30 36.69 -9.62
C GLY B 68 -16.93 36.12 -9.32
N LEU B 69 -16.81 35.37 -8.22
CA LEU B 69 -15.55 34.71 -7.94
C LEU B 69 -15.14 33.78 -9.07
N VAL B 70 -16.09 33.03 -9.62
CA VAL B 70 -15.80 31.97 -10.61
C VAL B 70 -16.16 32.48 -11.99
N ASP B 71 -15.24 32.27 -12.95
CA ASP B 71 -15.43 32.79 -14.31
C ASP B 71 -15.92 31.73 -15.30
N GLU B 72 -15.59 30.47 -15.08
CA GLU B 72 -16.05 29.36 -15.91
C GLU B 72 -16.47 28.23 -15.00
N LEU B 73 -17.58 27.57 -15.31
CA LEU B 73 -18.01 26.38 -14.58
C LEU B 73 -18.27 25.27 -15.59
N ILE B 74 -17.43 24.23 -15.59
CA ILE B 74 -17.40 23.24 -16.66
C ILE B 74 -17.50 21.84 -16.06
N VAL B 75 -18.36 21.01 -16.64
CA VAL B 75 -18.34 19.57 -16.40
C VAL B 75 -17.68 18.91 -17.61
N LEU B 76 -16.58 18.21 -17.37
CA LEU B 76 -15.88 17.52 -18.45
C LEU B 76 -16.39 16.09 -18.46
N ASP B 77 -17.28 15.79 -19.39
CA ASP B 77 -17.86 14.46 -19.43
C ASP B 77 -16.86 13.46 -19.98
N SER B 78 -16.72 12.33 -19.27
CA SER B 78 -15.71 11.30 -19.51
C SER B 78 -16.26 10.13 -20.31
N GLY B 79 -17.30 10.35 -21.11
CA GLY B 79 -17.96 9.30 -21.87
C GLY B 79 -19.16 8.69 -21.15
N SER B 80 -19.95 9.51 -20.46
CA SER B 80 -21.09 8.97 -19.72
C SER B 80 -22.18 8.46 -20.66
N THR B 81 -22.88 7.42 -20.23
CA THR B 81 -24.07 6.94 -20.93
C THR B 81 -25.34 7.09 -20.09
N ASP B 82 -25.25 7.72 -18.93
CA ASP B 82 -26.48 7.99 -18.17
C ASP B 82 -26.92 9.43 -18.45
N ASP B 83 -27.65 10.04 -17.52
CA ASP B 83 -28.16 11.39 -17.73
C ASP B 83 -27.25 12.46 -17.12
N THR B 84 -25.96 12.17 -16.96
CA THR B 84 -25.01 13.13 -16.41
C THR B 84 -25.03 14.46 -17.15
N GLU B 85 -24.90 14.42 -18.48
CA GLU B 85 -24.74 15.66 -19.24
C GLU B 85 -25.97 16.56 -19.10
N ILE B 86 -27.17 16.01 -19.29
CA ILE B 86 -28.36 16.84 -19.22
C ILE B 86 -28.59 17.37 -17.81
N ARG B 87 -28.29 16.57 -16.78
CA ARG B 87 -28.47 17.06 -15.42
C ARG B 87 -27.42 18.12 -15.07
N ALA B 88 -26.19 17.96 -15.54
CA ALA B 88 -25.19 19.00 -15.32
C ALA B 88 -25.57 20.29 -16.04
N MET B 89 -26.08 20.18 -17.27
CA MET B 89 -26.55 21.37 -17.99
C MET B 89 -27.66 22.06 -17.23
N ALA B 90 -28.68 21.30 -16.82
CA ALA B 90 -29.82 21.88 -16.13
C ALA B 90 -29.42 22.56 -14.83
N ALA B 91 -28.34 22.08 -14.18
CA ALA B 91 -27.86 22.74 -12.98
C ALA B 91 -27.02 23.98 -13.28
N GLY B 92 -26.71 24.25 -14.54
CA GLY B 92 -26.04 25.47 -14.93
C GLY B 92 -24.58 25.37 -15.31
N ALA B 93 -24.07 24.19 -15.62
CA ALA B 93 -22.70 24.03 -16.06
C ALA B 93 -22.64 23.87 -17.57
N ARG B 94 -21.54 24.35 -18.14
CA ARG B 94 -21.23 24.05 -19.54
C ARG B 94 -20.64 22.65 -19.59
N VAL B 95 -21.20 21.78 -20.44
CA VAL B 95 -20.75 20.39 -20.53
C VAL B 95 -19.88 20.25 -21.78
N ILE B 96 -18.68 19.72 -21.58
CA ILE B 96 -17.66 19.58 -22.62
C ILE B 96 -17.21 18.13 -22.64
N SER B 97 -17.25 17.50 -23.81
CA SER B 97 -16.77 16.13 -23.91
C SER B 97 -15.25 16.09 -24.02
N ARG B 98 -14.68 14.92 -23.72
CA ARG B 98 -13.24 14.73 -23.93
C ARG B 98 -12.84 15.03 -25.37
N GLU B 99 -13.67 14.65 -26.34
CA GLU B 99 -13.33 14.88 -27.73
C GLU B 99 -13.33 16.37 -28.07
N VAL B 100 -14.31 17.11 -27.58
CA VAL B 100 -14.35 18.55 -27.85
C VAL B 100 -13.18 19.27 -27.16
N ALA B 101 -12.75 18.78 -25.99
CA ALA B 101 -11.70 19.47 -25.27
C ALA B 101 -10.39 19.47 -26.04
N LEU B 102 -10.08 18.36 -26.72
CA LEU B 102 -8.79 18.19 -27.39
C LEU B 102 -8.98 17.27 -28.59
N PRO B 103 -9.51 17.81 -29.70
CA PRO B 103 -10.11 16.95 -30.73
C PRO B 103 -9.13 16.09 -31.51
N GLU B 104 -7.89 16.53 -31.71
CA GLU B 104 -7.00 15.78 -32.59
C GLU B 104 -6.22 14.70 -31.85
N VAL B 105 -6.46 14.51 -30.56
CA VAL B 105 -5.80 13.49 -29.75
C VAL B 105 -6.86 12.46 -29.35
N ALA B 106 -6.61 11.19 -29.71
CA ALA B 106 -7.53 10.12 -29.37
C ALA B 106 -7.67 9.99 -27.85
N PRO B 107 -8.89 9.90 -27.32
CA PRO B 107 -9.06 9.79 -25.86
C PRO B 107 -8.55 8.45 -25.34
N GLN B 108 -8.20 8.45 -24.06
CA GLN B 108 -7.90 7.21 -23.35
C GLN B 108 -8.59 7.22 -22.01
N PRO B 109 -8.87 6.05 -21.42
CA PRO B 109 -9.70 6.02 -20.21
C PRO B 109 -8.96 6.53 -18.98
N GLY B 110 -9.74 6.83 -17.95
CA GLY B 110 -9.24 7.23 -16.65
C GLY B 110 -9.53 8.70 -16.35
N LYS B 111 -9.41 9.03 -15.06
CA LYS B 111 -9.66 10.39 -14.60
C LYS B 111 -8.53 11.35 -15.00
N GLY B 112 -7.28 10.91 -14.94
CA GLY B 112 -6.18 11.80 -15.30
C GLY B 112 -6.31 12.37 -16.70
N GLU B 113 -6.79 11.56 -17.64
CA GLU B 113 -7.07 12.04 -18.99
C GLU B 113 -8.03 13.21 -18.97
N VAL B 114 -9.08 13.12 -18.15
CA VAL B 114 -10.13 14.14 -18.15
C VAL B 114 -9.58 15.47 -17.63
N LEU B 115 -8.87 15.42 -16.52
CA LEU B 115 -8.33 16.64 -15.95
C LEU B 115 -7.35 17.30 -16.91
N TRP B 116 -6.54 16.48 -17.59
CA TRP B 116 -5.54 17.02 -18.51
C TRP B 116 -6.20 17.72 -19.70
N ARG B 117 -7.17 17.05 -20.32
CA ARG B 117 -7.86 17.67 -21.45
C ARG B 117 -8.53 18.99 -21.07
N SER B 118 -8.98 19.11 -19.81
CA SER B 118 -9.68 20.33 -19.40
C SER B 118 -8.79 21.56 -19.49
N LEU B 119 -7.47 21.38 -19.42
CA LEU B 119 -6.56 22.51 -19.56
C LEU B 119 -6.65 23.16 -20.94
N ALA B 120 -6.98 22.38 -21.97
CA ALA B 120 -7.13 22.95 -23.30
C ALA B 120 -8.49 23.58 -23.53
N ALA B 121 -9.44 23.38 -22.62
CA ALA B 121 -10.83 23.83 -22.79
C ALA B 121 -11.21 24.90 -21.75
N THR B 122 -10.22 25.47 -21.07
CA THR B 122 -10.43 26.47 -20.04
C THR B 122 -9.50 27.64 -20.30
N THR B 123 -9.75 28.74 -19.62
CA THR B 123 -8.93 29.94 -19.73
C THR B 123 -8.45 30.45 -18.38
N GLY B 124 -8.83 29.83 -17.28
CA GLY B 124 -8.51 30.39 -15.97
C GLY B 124 -7.01 30.41 -15.71
N ASP B 125 -6.56 31.48 -15.05
CA ASP B 125 -5.24 31.52 -14.42
C ASP B 125 -5.17 30.60 -13.22
N ILE B 126 -6.33 30.24 -12.66
CA ILE B 126 -6.47 29.26 -11.59
C ILE B 126 -7.50 28.24 -12.06
N ILE B 127 -7.20 26.96 -11.88
CA ILE B 127 -8.11 25.87 -12.22
C ILE B 127 -8.45 25.11 -10.95
N VAL B 128 -9.74 24.90 -10.70
CA VAL B 128 -10.23 24.20 -9.50
C VAL B 128 -10.89 22.91 -9.94
N PHE B 129 -10.43 21.79 -9.40
CA PHE B 129 -11.02 20.48 -9.66
C PHE B 129 -11.92 20.07 -8.49
N ILE B 130 -13.11 19.56 -8.80
CA ILE B 130 -14.06 19.07 -7.81
C ILE B 130 -14.68 17.79 -8.34
N ASP B 131 -14.59 16.70 -7.59
CA ASP B 131 -15.27 15.47 -8.01
C ASP B 131 -16.78 15.67 -8.08
N SER B 132 -17.41 14.99 -9.04
CA SER B 132 -18.83 15.14 -9.31
C SER B 132 -19.69 14.05 -8.67
N ASP B 133 -19.06 13.10 -7.96
CA ASP B 133 -19.79 12.04 -7.28
C ASP B 133 -20.04 12.38 -5.81
N LEU B 134 -19.68 13.59 -5.36
CA LEU B 134 -19.88 13.97 -3.97
C LEU B 134 -21.36 14.03 -3.63
N ILE B 135 -21.75 13.35 -2.56
CA ILE B 135 -23.16 13.39 -2.18
C ILE B 135 -23.48 14.59 -1.28
N ASP B 136 -22.47 15.20 -0.65
CA ASP B 136 -22.69 16.32 0.27
C ASP B 136 -21.78 17.48 -0.08
N PRO B 137 -21.95 18.09 -1.26
CA PRO B 137 -21.08 19.23 -1.61
C PRO B 137 -21.46 20.47 -0.82
N ASP B 138 -20.46 21.25 -0.47
CA ASP B 138 -20.73 22.47 0.26
C ASP B 138 -20.36 23.71 -0.57
N PRO B 139 -21.14 24.79 -0.50
CA PRO B 139 -20.88 25.94 -1.38
C PRO B 139 -19.57 26.67 -1.12
N MET B 140 -18.89 26.43 0.00
CA MET B 140 -17.64 27.13 0.24
C MET B 140 -16.41 26.34 -0.22
N PHE B 141 -16.60 25.19 -0.89
CA PHE B 141 -15.46 24.42 -1.39
C PHE B 141 -14.53 25.28 -2.26
N VAL B 142 -15.09 25.94 -3.27
CA VAL B 142 -14.27 26.67 -4.23
C VAL B 142 -13.61 27.86 -3.53
N PRO B 143 -14.33 28.66 -2.73
CA PRO B 143 -13.64 29.75 -2.01
C PRO B 143 -12.49 29.27 -1.13
N LYS B 144 -12.67 28.16 -0.40
CA LYS B 144 -11.60 27.67 0.47
C LYS B 144 -10.40 27.19 -0.32
N LEU B 145 -10.64 26.57 -1.48
CA LEU B 145 -9.56 26.04 -2.32
C LEU B 145 -8.73 27.15 -2.95
N VAL B 146 -9.36 28.29 -3.32
CA VAL B 146 -8.59 29.33 -3.99
C VAL B 146 -8.00 30.34 -3.01
N GLY B 147 -8.44 30.36 -1.77
CA GLY B 147 -7.95 31.29 -0.78
C GLY B 147 -6.44 31.44 -0.73
N PRO B 148 -5.72 30.34 -0.55
CA PRO B 148 -4.24 30.43 -0.53
C PRO B 148 -3.65 30.91 -1.85
N LEU B 149 -4.26 30.57 -2.98
CA LEU B 149 -3.75 31.03 -4.27
C LEU B 149 -3.87 32.54 -4.43
N LEU B 150 -4.92 33.12 -3.87
CA LEU B 150 -5.21 34.54 -4.07
C LEU B 150 -4.60 35.42 -2.99
N LEU B 151 -4.40 34.89 -1.78
CA LEU B 151 -3.99 35.69 -0.65
C LEU B 151 -2.61 35.35 -0.09
N SER B 152 -1.99 34.25 -0.53
CA SER B 152 -0.68 33.83 -0.04
C SER B 152 0.29 33.78 -1.21
N GLU B 153 1.40 34.49 -1.07
CA GLU B 153 2.41 34.48 -2.11
C GLU B 153 3.04 33.10 -2.24
N GLY B 154 3.33 32.72 -3.47
CA GLY B 154 4.15 31.55 -3.73
C GLY B 154 3.44 30.22 -3.71
N VAL B 155 2.11 30.19 -3.57
CA VAL B 155 1.37 28.94 -3.54
C VAL B 155 0.85 28.65 -4.94
N HIS B 156 1.02 27.40 -5.38
CA HIS B 156 0.57 26.98 -6.70
C HIS B 156 -0.38 25.78 -6.69
N LEU B 157 -0.54 25.09 -5.55
CA LEU B 157 -1.38 23.90 -5.44
C LEU B 157 -2.00 23.86 -4.05
N VAL B 158 -3.33 23.78 -3.98
CA VAL B 158 -4.06 23.76 -2.71
C VAL B 158 -4.87 22.47 -2.65
N LYS B 159 -4.62 21.63 -1.64
CA LYS B 159 -5.31 20.35 -1.50
C LYS B 159 -6.39 20.46 -0.43
N GLY B 160 -7.64 20.19 -0.79
CA GLY B 160 -8.71 20.24 0.20
C GLY B 160 -8.82 18.92 0.96
N PHE B 161 -8.77 18.99 2.28
CA PHE B 161 -8.93 17.79 3.09
C PHE B 161 -10.22 17.88 3.90
N TYR B 162 -10.65 16.73 4.40
CA TYR B 162 -11.87 16.60 5.20
C TYR B 162 -11.51 16.10 6.58
N ARG B 163 -12.06 16.74 7.61
CA ARG B 163 -11.94 16.17 8.94
C ARG B 163 -12.85 14.96 9.08
N ARG B 164 -12.42 14.01 9.88
CA ARG B 164 -13.28 12.84 9.98
C ARG B 164 -14.07 12.88 11.28
N PRO B 165 -15.33 12.40 11.28
CA PRO B 165 -16.19 12.37 12.47
C PRO B 165 -15.56 11.64 13.65
N GLY B 177 -8.73 10.20 6.55
CA GLY B 177 -7.79 9.97 5.46
C GLY B 177 -8.30 9.01 4.39
N GLY B 178 -8.41 7.73 4.77
CA GLY B 178 -8.81 6.66 3.87
C GLY B 178 -7.82 5.50 3.94
N ARG B 179 -8.32 4.29 3.64
CA ARG B 179 -7.48 3.10 3.73
C ARG B 179 -6.33 3.15 2.72
N VAL B 180 -6.61 3.53 1.48
CA VAL B 180 -5.53 3.69 0.52
C VAL B 180 -4.60 4.82 0.96
N THR B 181 -5.17 5.90 1.49
CA THR B 181 -4.34 7.03 1.89
C THR B 181 -3.39 6.66 3.02
N GLU B 182 -3.91 5.99 4.07
CA GLU B 182 -3.09 5.75 5.25
C GLU B 182 -2.21 4.52 5.14
N LEU B 183 -2.57 3.54 4.30
CA LEU B 183 -1.76 2.34 4.16
C LEU B 183 -0.86 2.37 2.92
N VAL B 184 -1.17 3.19 1.91
CA VAL B 184 -0.43 3.15 0.67
C VAL B 184 0.27 4.49 0.44
N ALA B 185 -0.50 5.55 0.22
CA ALA B 185 0.08 6.84 -0.17
C ALA B 185 1.00 7.39 0.91
N ARG B 186 0.52 7.47 2.15
CA ARG B 186 1.34 8.12 3.16
C ARG B 186 2.60 7.32 3.52
N PRO B 187 2.53 5.99 3.64
CA PRO B 187 3.77 5.25 3.92
C PRO B 187 4.74 5.24 2.76
N LEU B 188 4.24 5.21 1.51
CA LEU B 188 5.16 5.30 0.38
C LEU B 188 5.82 6.68 0.31
N LEU B 189 5.06 7.75 0.56
CA LEU B 189 5.67 9.07 0.63
C LEU B 189 6.73 9.14 1.74
N ALA B 190 6.46 8.53 2.91
CA ALA B 190 7.48 8.48 3.95
C ALA B 190 8.76 7.84 3.42
N ALA B 191 8.63 6.81 2.58
CA ALA B 191 9.80 6.11 2.08
C ALA B 191 10.54 6.90 1.00
N LEU B 192 9.82 7.65 0.17
CA LEU B 192 10.39 8.14 -1.08
C LEU B 192 10.33 9.66 -1.23
N ARG B 193 9.42 10.34 -0.54
CA ARG B 193 9.35 11.81 -0.51
C ARG B 193 8.97 12.24 0.88
N PRO B 194 9.86 12.05 1.87
CA PRO B 194 9.41 12.11 3.27
C PRO B 194 8.77 13.44 3.69
N GLU B 195 9.19 14.58 3.13
CA GLU B 195 8.57 15.84 3.51
C GLU B 195 7.08 15.87 3.20
N LEU B 196 6.65 15.19 2.14
CA LEU B 196 5.25 15.22 1.73
C LEU B 196 4.33 14.45 2.67
N THR B 197 4.84 13.79 3.72
CA THR B 197 3.90 13.15 4.65
C THR B 197 3.05 14.15 5.41
N CYS B 198 3.39 15.45 5.33
CA CYS B 198 2.59 16.47 6.01
C CYS B 198 1.27 16.76 5.31
N VAL B 199 1.12 16.38 4.05
CA VAL B 199 -0.14 16.54 3.34
C VAL B 199 -1.14 15.51 3.88
N LEU B 200 -2.26 15.99 4.43
CA LEU B 200 -3.19 15.08 5.12
C LEU B 200 -3.84 14.11 4.15
N GLN B 201 -4.36 14.61 3.03
CA GLN B 201 -5.09 13.79 2.06
C GLN B 201 -4.49 13.99 0.68
N PRO B 202 -3.32 13.40 0.44
CA PRO B 202 -2.64 13.60 -0.87
C PRO B 202 -3.42 13.10 -2.06
N LEU B 203 -4.36 12.17 -1.89
CA LEU B 203 -5.10 11.64 -3.02
C LEU B 203 -6.44 12.32 -3.25
N GLY B 204 -6.71 13.43 -2.56
CA GLY B 204 -8.04 14.02 -2.60
C GLY B 204 -8.38 14.60 -3.96
N GLY B 205 -9.66 14.50 -4.32
CA GLY B 205 -10.14 15.00 -5.60
C GLY B 205 -10.49 16.47 -5.64
N GLU B 206 -10.55 17.16 -4.50
CA GLU B 206 -10.85 18.59 -4.46
C GLU B 206 -9.55 19.35 -4.25
N TYR B 207 -9.14 20.12 -5.26
CA TYR B 207 -7.89 20.86 -5.17
C TYR B 207 -7.83 21.88 -6.29
N ALA B 208 -6.94 22.86 -6.15
CA ALA B 208 -6.83 23.93 -7.11
C ALA B 208 -5.35 24.17 -7.43
N GLY B 209 -5.07 24.54 -8.68
CA GLY B 209 -3.72 24.83 -9.11
C GLY B 209 -3.67 26.00 -10.06
N THR B 210 -2.50 26.64 -10.09
CA THR B 210 -2.27 27.72 -11.04
C THR B 210 -2.10 27.18 -12.46
N ARG B 211 -2.49 28.01 -13.42
CA ARG B 211 -2.21 27.72 -14.83
C ARG B 211 -0.72 27.48 -15.07
N GLU B 212 0.14 28.27 -14.43
CA GLU B 212 1.57 28.14 -14.64
C GLU B 212 2.05 26.73 -14.29
N LEU B 213 1.60 26.20 -13.16
CA LEU B 213 1.98 24.84 -12.79
C LEU B 213 1.32 23.81 -13.71
N LEU B 214 -0.01 23.84 -13.79
CA LEU B 214 -0.75 22.74 -14.40
C LEU B 214 -0.45 22.62 -15.90
N MET B 215 -0.23 23.75 -16.58
CA MET B 215 0.07 23.74 -18.01
C MET B 215 1.43 23.13 -18.33
N SER B 216 2.33 23.05 -17.35
CA SER B 216 3.73 22.76 -17.61
C SER B 216 4.19 21.37 -17.13
N VAL B 217 3.30 20.55 -16.56
CA VAL B 217 3.70 19.25 -16.03
C VAL B 217 3.01 18.12 -16.80
N PRO B 218 3.61 16.95 -16.89
CA PRO B 218 2.88 15.78 -17.39
C PRO B 218 1.73 15.43 -16.45
N PHE B 219 0.71 14.76 -17.02
CA PHE B 219 -0.42 14.27 -16.24
C PHE B 219 -0.39 12.74 -16.24
N ALA B 220 -0.32 12.15 -15.05
CA ALA B 220 -0.37 10.71 -14.92
C ALA B 220 -1.75 10.18 -15.27
N PRO B 221 -1.85 8.93 -15.72
CA PRO B 221 -3.14 8.40 -16.15
C PRO B 221 -3.96 7.90 -14.97
N GLY B 222 -5.26 7.78 -15.22
CA GLY B 222 -6.14 7.06 -14.32
C GLY B 222 -6.12 7.61 -12.91
N TYR B 223 -6.12 6.70 -11.93
CA TYR B 223 -6.12 7.09 -10.52
C TYR B 223 -4.79 7.63 -10.05
N GLY B 224 -3.77 7.71 -10.91
CA GLY B 224 -2.50 8.26 -10.48
C GLY B 224 -2.38 9.77 -10.58
N VAL B 225 -3.38 10.48 -11.12
CA VAL B 225 -3.17 11.89 -11.49
C VAL B 225 -2.93 12.75 -10.24
N GLU B 226 -3.63 12.49 -9.14
CA GLU B 226 -3.43 13.35 -7.96
C GLU B 226 -2.01 13.20 -7.40
N ILE B 227 -1.55 11.97 -7.19
CA ILE B 227 -0.23 11.81 -6.57
C ILE B 227 0.87 12.28 -7.51
N GLY B 228 0.67 12.13 -8.83
CA GLY B 228 1.64 12.62 -9.79
C GLY B 228 1.80 14.12 -9.72
N LEU B 229 0.67 14.85 -9.72
CA LEU B 229 0.70 16.30 -9.60
C LEU B 229 1.34 16.74 -8.28
N LEU B 230 1.06 16.04 -7.18
CA LEU B 230 1.65 16.44 -5.89
C LEU B 230 3.17 16.33 -5.91
N VAL B 231 3.68 15.19 -6.37
CA VAL B 231 5.12 14.96 -6.40
C VAL B 231 5.79 15.89 -7.39
N ASP B 232 5.19 16.09 -8.58
CA ASP B 232 5.79 16.99 -9.56
C ASP B 232 5.81 18.44 -9.07
N THR B 233 4.75 18.88 -8.38
CA THR B 233 4.75 20.21 -7.76
C THR B 233 5.83 20.31 -6.70
N TYR B 234 5.92 19.32 -5.82
CA TYR B 234 6.96 19.31 -4.80
C TYR B 234 8.34 19.45 -5.42
N ASP B 235 8.67 18.61 -6.40
CA ASP B 235 10.02 18.65 -6.97
C ASP B 235 10.30 20.00 -7.65
N ARG B 236 9.37 20.44 -8.50
CA ARG B 236 9.65 21.61 -9.32
C ARG B 236 9.51 22.92 -8.55
N LEU B 237 8.49 23.04 -7.69
CA LEU B 237 8.24 24.34 -7.06
C LEU B 237 8.45 24.34 -5.55
N GLY B 238 8.50 23.19 -4.92
CA GLY B 238 8.89 23.11 -3.53
C GLY B 238 7.71 22.96 -2.57
N LEU B 239 8.07 22.62 -1.33
CA LEU B 239 7.07 22.38 -0.29
C LEU B 239 6.19 23.59 -0.06
N ASP B 240 6.78 24.80 -0.03
CA ASP B 240 5.99 26.00 0.24
C ASP B 240 5.07 26.38 -0.90
N ALA B 241 5.20 25.75 -2.06
CA ALA B 241 4.25 25.97 -3.15
C ALA B 241 2.97 25.16 -2.98
N ILE B 242 2.90 24.27 -1.98
CA ILE B 242 1.74 23.43 -1.73
C ILE B 242 1.08 23.88 -0.44
N ALA B 243 -0.25 23.93 -0.44
CA ALA B 243 -1.01 24.28 0.76
C ALA B 243 -2.17 23.30 0.90
N GLN B 244 -2.87 23.38 2.03
CA GLN B 244 -4.03 22.52 2.22
C GLN B 244 -5.05 23.24 3.10
N VAL B 245 -6.35 22.96 2.83
CA VAL B 245 -7.44 23.59 3.57
C VAL B 245 -8.51 22.56 3.91
N ASN B 246 -9.15 22.76 5.05
CA ASN B 246 -10.21 21.90 5.54
C ASN B 246 -11.54 22.36 4.94
N LEU B 247 -12.20 21.46 4.20
CA LEU B 247 -13.47 21.75 3.57
C LEU B 247 -14.67 21.40 4.44
N GLY B 248 -14.47 20.69 5.54
CA GLY B 248 -15.57 20.34 6.42
C GLY B 248 -15.50 18.90 6.88
N VAL B 249 -16.40 18.50 7.76
CA VAL B 249 -16.45 17.12 8.23
C VAL B 249 -17.21 16.29 7.21
N ARG B 250 -16.55 15.24 6.71
CA ARG B 250 -17.20 14.28 5.83
C ARG B 250 -16.74 12.89 6.27
N ALA B 251 -17.69 11.97 6.37
CA ALA B 251 -17.36 10.59 6.67
C ALA B 251 -16.81 9.92 5.41
N HIS B 252 -16.00 8.88 5.62
CA HIS B 252 -15.56 8.05 4.50
C HIS B 252 -16.76 7.37 3.85
N ARG B 253 -16.65 7.14 2.55
CA ARG B 253 -17.68 6.41 1.82
C ARG B 253 -17.18 5.00 1.52
N ASN B 254 -18.12 4.06 1.46
CA ASN B 254 -17.75 2.68 1.19
C ASN B 254 -17.38 2.49 -0.27
N ARG B 255 -16.26 1.82 -0.51
CA ARG B 255 -15.85 1.38 -1.83
C ARG B 255 -15.40 -0.07 -1.73
N PRO B 256 -15.71 -0.91 -2.72
CA PRO B 256 -15.28 -2.31 -2.66
C PRO B 256 -13.76 -2.44 -2.59
N LEU B 257 -13.30 -3.49 -1.92
CA LEU B 257 -11.86 -3.70 -1.78
C LEU B 257 -11.17 -3.85 -3.13
N THR B 258 -11.86 -4.42 -4.12
CA THR B 258 -11.26 -4.57 -5.44
C THR B 258 -11.00 -3.22 -6.11
N ASP B 259 -11.93 -2.28 -5.97
CA ASP B 259 -11.70 -0.94 -6.52
C ASP B 259 -10.54 -0.26 -5.80
N LEU B 260 -10.47 -0.39 -4.48
CA LEU B 260 -9.41 0.22 -3.71
C LEU B 260 -8.06 -0.40 -4.04
N ALA B 261 -8.02 -1.71 -4.27
CA ALA B 261 -6.76 -2.35 -4.64
C ALA B 261 -6.31 -1.91 -6.03
N ALA B 262 -7.26 -1.74 -6.95
CA ALA B 262 -6.93 -1.21 -8.28
C ALA B 262 -6.39 0.21 -8.20
N MET B 263 -7.00 1.06 -7.38
CA MET B 263 -6.52 2.42 -7.20
C MET B 263 -5.13 2.43 -6.57
N SER B 264 -4.92 1.58 -5.56
CA SER B 264 -3.59 1.46 -4.98
C SER B 264 -2.54 1.09 -6.03
N ARG B 265 -2.86 0.10 -6.88
CA ARG B 265 -1.90 -0.36 -7.88
C ARG B 265 -1.46 0.78 -8.79
N GLN B 266 -2.38 1.66 -9.17
CA GLN B 266 -2.05 2.77 -10.05
C GLN B 266 -1.33 3.90 -9.31
N VAL B 267 -1.73 4.17 -8.06
CA VAL B 267 -0.97 5.10 -7.23
C VAL B 267 0.48 4.63 -7.09
N ILE B 268 0.68 3.32 -6.92
CA ILE B 268 2.04 2.77 -6.87
C ILE B 268 2.75 2.97 -8.21
N ALA B 269 2.08 2.69 -9.33
CA ALA B 269 2.73 2.81 -10.62
C ALA B 269 3.17 4.25 -10.89
N THR B 270 2.34 5.22 -10.51
CA THR B 270 2.67 6.62 -10.79
C THR B 270 3.76 7.13 -9.87
N LEU B 271 3.72 6.77 -8.59
CA LEU B 271 4.82 7.14 -7.71
C LEU B 271 6.13 6.53 -8.20
N PHE B 272 6.11 5.24 -8.55
CA PHE B 272 7.33 4.59 -9.07
C PHE B 272 7.84 5.30 -10.31
N SER B 273 6.93 5.64 -11.23
CA SER B 273 7.34 6.31 -12.45
C SER B 273 7.98 7.67 -12.16
N ARG B 274 7.50 8.39 -11.14
CA ARG B 274 8.13 9.66 -10.78
C ARG B 274 9.46 9.48 -10.07
N CYS B 275 9.71 8.33 -9.44
CA CYS B 275 11.00 8.06 -8.82
C CYS B 275 11.93 7.20 -9.68
N GLY B 276 11.55 6.85 -10.90
CA GLY B 276 12.39 5.95 -11.69
C GLY B 276 12.50 4.52 -11.18
N VAL B 277 11.56 4.06 -10.36
CA VAL B 277 11.52 2.64 -10.00
C VAL B 277 10.96 1.85 -11.17
N PRO B 278 11.65 0.83 -11.68
CA PRO B 278 11.08 0.07 -12.79
C PRO B 278 9.84 -0.67 -12.32
N ASP B 279 8.71 -0.30 -12.87
CA ASP B 279 7.44 -0.93 -12.55
C ASP B 279 7.10 -1.90 -13.69
N SER B 280 6.72 -3.13 -13.33
CA SER B 280 6.47 -4.15 -14.34
C SER B 280 5.32 -3.81 -15.26
N GLY B 281 4.41 -2.93 -14.83
CA GLY B 281 3.16 -2.71 -15.53
C GLY B 281 2.12 -3.79 -15.36
N VAL B 282 2.39 -4.84 -14.58
CA VAL B 282 1.44 -5.93 -14.39
C VAL B 282 0.38 -5.49 -13.39
N GLY B 283 -0.89 -5.65 -13.76
CA GLY B 283 -1.99 -5.27 -12.90
C GLY B 283 -2.37 -6.40 -11.96
N LEU B 284 -3.45 -6.16 -11.21
CA LEU B 284 -3.94 -7.16 -10.26
C LEU B 284 -4.99 -8.03 -10.93
N THR B 285 -4.88 -9.34 -10.71
CA THR B 285 -5.87 -10.28 -11.23
C THR B 285 -7.27 -9.99 -10.69
N SER B 299 -6.51 -5.77 -13.46
CA SER B 299 -6.74 -4.34 -13.25
C SER B 299 -5.87 -3.51 -14.20
N GLU B 300 -6.42 -2.38 -14.67
CA GLU B 300 -5.69 -1.50 -15.56
C GLU B 300 -4.60 -0.74 -14.81
N VAL B 301 -3.41 -0.67 -15.43
CA VAL B 301 -2.30 0.12 -14.91
C VAL B 301 -1.48 0.62 -16.09
N SER B 302 -1.26 1.92 -16.15
CA SER B 302 -0.49 2.53 -17.23
C SER B 302 0.73 3.26 -16.68
N LEU B 303 1.85 3.11 -17.38
CA LEU B 303 3.09 3.79 -17.04
C LEU B 303 3.36 5.00 -17.93
N VAL B 304 2.41 5.37 -18.78
CA VAL B 304 2.59 6.41 -19.79
C VAL B 304 1.82 7.66 -19.40
N ASP B 305 2.54 8.77 -19.22
CA ASP B 305 1.89 10.04 -18.94
C ASP B 305 1.38 10.68 -20.22
N ARG B 306 0.49 11.65 -20.05
CA ARG B 306 0.28 12.63 -21.12
C ARG B 306 1.31 13.76 -20.99
N PRO B 307 1.82 14.32 -22.07
CA PRO B 307 2.85 15.36 -21.96
C PRO B 307 2.25 16.66 -21.46
N PRO B 308 3.08 17.60 -21.00
CA PRO B 308 2.57 18.92 -20.60
C PRO B 308 1.72 19.54 -21.70
N MET B 309 0.61 20.15 -21.30
CA MET B 309 -0.32 20.70 -22.28
C MET B 309 0.29 21.85 -23.08
N ASN B 310 1.30 22.55 -22.52
CA ASN B 310 1.94 23.60 -23.31
C ASN B 310 2.73 23.05 -24.50
N THR B 311 2.96 21.72 -24.59
CA THR B 311 3.57 21.20 -25.81
C THR B 311 2.57 21.03 -26.95
N LEU B 312 1.29 20.81 -26.64
CA LEU B 312 0.27 20.67 -27.68
C LEU B 312 -0.52 21.95 -27.90
N ARG B 313 -0.53 22.86 -26.93
CA ARG B 313 -1.25 24.13 -27.02
C ARG B 313 -0.30 25.26 -26.66
N GLY B 314 0.78 25.37 -27.44
CA GLY B 314 1.81 26.36 -27.14
C GLY B 314 1.30 27.80 -27.17
N LYS B 315 0.46 28.13 -28.15
CA LYS B 315 0.00 29.51 -28.29
C LYS B 315 -1.00 29.87 -27.21
N LEU B 316 -1.90 28.93 -26.87
CA LEU B 316 -2.78 29.12 -25.73
C LEU B 316 -1.97 29.34 -24.46
N ALA B 317 -1.00 28.46 -24.21
CA ALA B 317 -0.20 28.54 -23.00
C ALA B 317 0.55 29.86 -22.92
N ALA B 318 1.15 30.29 -24.04
CA ALA B 318 1.88 31.55 -24.04
C ALA B 318 0.95 32.73 -23.80
N ALA B 319 -0.25 32.68 -24.38
CA ALA B 319 -1.23 33.75 -24.18
C ALA B 319 -1.61 33.87 -22.71
N LEU B 320 -1.59 32.76 -21.98
CA LEU B 320 -1.95 32.72 -20.57
C LEU B 320 -0.78 33.00 -19.63
N GLU B 321 0.45 33.10 -20.12
CA GLU B 321 1.55 33.49 -19.26
C GLU B 321 1.44 34.97 -18.91
N HIS B 322 1.59 35.29 -17.63
CA HIS B 322 1.58 36.69 -17.22
C HIS B 322 2.80 37.40 -17.81
N HIS B 323 2.60 38.67 -18.18
CA HIS B 323 3.70 39.46 -18.75
C HIS B 323 4.92 39.46 -17.83
N HIS B 324 4.69 39.62 -16.53
CA HIS B 324 5.79 39.59 -15.56
C HIS B 324 5.82 38.25 -14.83
#